data_5U65
#
_entry.id   5U65
#
_cell.length_a   89.410
_cell.length_b   48.480
_cell.length_c   60.890
_cell.angle_alpha   90.00
_cell.angle_beta   114.67
_cell.angle_gamma   90.00
#
_symmetry.space_group_name_H-M   'C 1 2 1'
#
loop_
_entity.id
_entity.type
_entity.pdbx_description
1 polymer VHH-5
2 non-polymer 'SULFATE ION'
3 water water
#
_entity_poly.entity_id   1
_entity_poly.type   'polypeptide(L)'
_entity_poly.pdbx_seq_one_letter_code
;MADVQLQESGGGSVQAGGSLRLSCVVSGLTISNYCMRWFRQAPGKGREGVASINSAGTTYYADSVKGRFTMSRDNAKNTV
YLDMNSLKPEDTAIYYCASSTRVWGGYCGGLDDATNNDWGQGTQVTVSSAAAHHHHHH
;
_entity_poly.pdbx_strand_id   A,B
#
# COMPACT_ATOMS: atom_id res chain seq x y z
N ASP A 3 -17.76 1.75 -17.25
CA ASP A 3 -17.29 1.00 -16.05
C ASP A 3 -16.38 1.91 -15.19
N VAL A 4 -16.89 2.32 -14.02
CA VAL A 4 -16.19 3.26 -13.15
C VAL A 4 -15.24 2.60 -12.14
N GLN A 5 -13.94 2.86 -12.31
CA GLN A 5 -12.86 2.37 -11.44
C GLN A 5 -12.19 3.52 -10.70
N LEU A 6 -12.08 3.40 -9.40
CA LEU A 6 -11.36 4.36 -8.56
C LEU A 6 -10.20 3.64 -7.89
N GLN A 7 -8.98 4.13 -8.03
CA GLN A 7 -7.83 3.50 -7.36
C GLN A 7 -7.08 4.49 -6.46
N GLU A 8 -7.12 4.26 -5.16
CA GLU A 8 -6.45 5.12 -4.16
C GLU A 8 -4.98 4.75 -4.07
N SER A 9 -4.12 5.70 -3.72
CA SER A 9 -2.73 5.41 -3.39
C SER A 9 -2.17 6.48 -2.47
N GLY A 10 -0.93 6.30 -2.01
CA GLY A 10 -0.28 7.27 -1.17
C GLY A 10 -0.47 7.06 0.34
N GLY A 11 -1.16 6.04 0.75
CA GLY A 11 -1.27 5.81 2.19
C GLY A 11 0.04 5.30 2.76
N GLY A 12 0.25 5.49 4.04
CA GLY A 12 1.51 5.17 4.71
C GLY A 12 1.45 5.47 6.20
N SER A 13 2.51 5.10 6.91
CA SER A 13 2.75 5.49 8.31
C SER A 13 3.42 6.85 8.40
N VAL A 14 2.84 7.71 9.21
CA VAL A 14 3.35 9.03 9.45
C VAL A 14 3.24 9.25 10.95
N GLN A 15 3.99 10.19 11.45
CA GLN A 15 3.96 10.56 12.86
C GLN A 15 3.01 11.76 13.04
N ALA A 16 2.33 11.85 14.15
CA ALA A 16 1.51 13.03 14.49
C ALA A 16 2.28 14.34 14.36
N GLY A 17 1.61 15.32 13.73
CA GLY A 17 2.18 16.58 13.27
C GLY A 17 2.44 16.61 11.76
N GLY A 18 2.65 15.45 11.15
CA GLY A 18 3.12 15.38 9.81
C GLY A 18 1.96 15.45 8.86
N SER A 19 2.31 15.35 7.60
CA SER A 19 1.37 15.49 6.54
C SER A 19 1.53 14.36 5.56
N LEU A 20 0.48 14.11 4.78
CA LEU A 20 0.46 13.06 3.78
C LEU A 20 -0.40 13.56 2.67
N ARG A 21 -0.20 12.98 1.48
CA ARG A 21 -1.05 13.24 0.33
C ARG A 21 -1.59 11.93 -0.29
N LEU A 22 -2.90 11.81 -0.41
CA LEU A 22 -3.50 10.67 -1.01
C LEU A 22 -3.91 11.04 -2.41
N SER A 23 -3.95 10.04 -3.27
CA SER A 23 -4.29 10.18 -4.66
C SER A 23 -5.40 9.22 -4.96
N CYS A 24 -6.28 9.55 -5.87
CA CYS A 24 -7.28 8.61 -6.31
C CYS A 24 -7.43 8.81 -7.78
N VAL A 25 -6.99 7.83 -8.55
CA VAL A 25 -7.09 7.87 -10.00
C VAL A 25 -8.40 7.25 -10.44
N VAL A 26 -9.11 7.97 -11.32
CA VAL A 26 -10.43 7.59 -11.71
C VAL A 26 -10.44 7.27 -13.19
N SER A 27 -11.22 6.25 -13.50
CA SER A 27 -11.39 5.77 -14.84
C SER A 27 -12.86 5.59 -15.10
N GLY A 28 -13.34 6.07 -16.24
CA GLY A 28 -14.73 5.81 -16.69
C GLY A 28 -15.71 6.95 -16.45
N LEU A 29 -15.23 8.03 -15.79
CA LEU A 29 -15.98 9.26 -15.48
C LEU A 29 -15.04 10.41 -15.60
N THR A 30 -15.55 11.57 -16.00
CA THR A 30 -14.75 12.77 -15.90
C THR A 30 -15.05 13.34 -14.52
N ILE A 31 -14.03 13.42 -13.66
CA ILE A 31 -14.22 13.85 -12.26
C ILE A 31 -14.75 15.28 -12.03
N SER A 32 -14.52 16.19 -12.97
CA SER A 32 -15.13 17.54 -13.00
C SER A 32 -16.62 17.58 -12.96
N ASN A 33 -17.28 16.54 -13.48
CA ASN A 33 -18.75 16.50 -13.61
C ASN A 33 -19.47 15.86 -12.46
N TYR A 34 -18.74 15.43 -11.44
CA TYR A 34 -19.33 14.75 -10.29
C TYR A 34 -18.88 15.32 -8.99
N CYS A 35 -19.62 14.99 -7.95
CA CYS A 35 -19.15 15.17 -6.60
C CYS A 35 -18.20 14.03 -6.42
N MET A 36 -16.94 14.32 -6.13
CA MET A 36 -15.92 13.34 -5.73
C MET A 36 -15.74 13.47 -4.26
N ARG A 37 -15.46 12.36 -3.59
CA ARG A 37 -15.52 12.33 -2.14
C ARG A 37 -14.40 11.57 -1.56
N TRP A 38 -13.96 12.02 -0.37
CA TRP A 38 -13.19 11.18 0.52
C TRP A 38 -13.99 10.77 1.76
N PHE A 39 -13.99 9.47 2.01
CA PHE A 39 -14.46 8.87 3.28
C PHE A 39 -13.31 8.17 3.95
N ARG A 40 -13.48 7.85 5.23
CA ARG A 40 -12.57 7.00 5.94
C ARG A 40 -13.27 6.14 6.97
N GLN A 41 -12.65 4.98 7.23
CA GLN A 41 -13.02 4.09 8.29
C GLN A 41 -11.88 3.86 9.31
N ALA A 42 -12.00 4.47 10.49
CA ALA A 42 -11.09 4.20 11.60
C ALA A 42 -11.32 2.81 12.16
N PRO A 43 -10.31 2.24 12.85
CA PRO A 43 -10.44 0.86 13.34
C PRO A 43 -11.61 0.64 14.31
N GLY A 44 -12.47 -0.31 13.95
CA GLY A 44 -13.66 -0.61 14.70
C GLY A 44 -14.82 0.31 14.52
N LYS A 45 -14.66 1.36 13.75
CA LYS A 45 -15.64 2.43 13.61
C LYS A 45 -16.27 2.31 12.25
N GLY A 46 -17.41 2.97 12.12
CA GLY A 46 -18.14 3.00 10.89
C GLY A 46 -17.51 4.04 9.98
N ARG A 47 -17.72 3.82 8.68
CA ARG A 47 -17.15 4.65 7.67
C ARG A 47 -17.76 6.08 7.74
N GLU A 48 -16.91 7.09 7.68
CA GLU A 48 -17.29 8.47 7.92
C GLU A 48 -16.89 9.32 6.71
N GLY A 49 -17.70 10.33 6.38
CA GLY A 49 -17.32 11.34 5.36
C GLY A 49 -16.17 12.24 5.77
N VAL A 50 -15.30 12.62 4.84
CA VAL A 50 -14.12 13.46 5.20
C VAL A 50 -14.11 14.76 4.44
N ALA A 51 -14.27 14.66 3.13
CA ALA A 51 -14.21 15.79 2.22
C ALA A 51 -14.94 15.49 0.95
N SER A 52 -15.39 16.52 0.30
CA SER A 52 -15.91 16.30 -0.99
C SER A 52 -15.69 17.53 -1.81
N ILE A 53 -15.92 17.41 -3.11
CA ILE A 53 -15.69 18.52 -4.04
C ILE A 53 -16.70 18.49 -5.15
N ASN A 54 -17.46 19.55 -5.35
CA ASN A 54 -18.52 19.54 -6.37
C ASN A 54 -17.95 19.85 -7.78
N SER A 55 -18.77 19.85 -8.82
CA SER A 55 -18.30 20.12 -10.17
C SER A 55 -17.65 21.52 -10.32
N ALA A 56 -18.09 22.51 -9.53
CA ALA A 56 -17.46 23.83 -9.53
C ALA A 56 -16.15 23.88 -8.72
N GLY A 57 -15.72 22.76 -8.17
CA GLY A 57 -14.48 22.64 -7.49
C GLY A 57 -14.57 23.28 -6.11
N THR A 58 -15.77 23.56 -5.64
CA THR A 58 -15.94 23.95 -4.23
C THR A 58 -15.76 22.72 -3.36
N THR A 59 -15.10 22.88 -2.21
CA THR A 59 -14.83 21.77 -1.31
C THR A 59 -15.52 21.94 0.02
N TYR A 60 -15.98 20.84 0.59
CA TYR A 60 -16.61 20.80 1.92
C TYR A 60 -15.83 19.77 2.70
N TYR A 61 -15.70 20.01 4.01
CA TYR A 61 -14.86 19.18 4.88
C TYR A 61 -15.58 18.88 6.17
N ALA A 62 -15.30 17.72 6.75
CA ALA A 62 -15.88 17.36 8.03
C ALA A 62 -15.32 18.26 9.11
N ASP A 63 -16.10 18.47 10.18
CA ASP A 63 -15.71 19.36 11.29
C ASP A 63 -14.34 19.01 11.83
N SER A 64 -14.10 17.73 12.03
CA SER A 64 -12.84 17.26 12.62
C SER A 64 -11.59 17.43 11.75
N VAL A 65 -11.74 17.76 10.47
CA VAL A 65 -10.56 17.91 9.63
C VAL A 65 -10.43 19.25 8.92
N LYS A 66 -11.49 20.07 8.93
CA LYS A 66 -11.50 21.33 8.26
C LYS A 66 -10.30 22.20 8.67
N GLY A 67 -9.70 22.87 7.68
CA GLY A 67 -8.52 23.67 7.92
C GLY A 67 -7.24 22.87 7.65
N ARG A 68 -7.18 21.67 8.21
CA ARG A 68 -5.99 20.81 8.15
C ARG A 68 -5.91 20.06 6.85
N PHE A 69 -7.04 19.52 6.41
CA PHE A 69 -7.13 18.70 5.21
C PHE A 69 -7.62 19.55 4.05
N THR A 70 -7.12 19.26 2.88
CA THR A 70 -7.62 19.93 1.68
C THR A 70 -7.71 18.92 0.57
N MET A 71 -8.76 19.04 -0.23
CA MET A 71 -9.02 18.18 -1.36
C MET A 71 -8.90 18.99 -2.65
N SER A 72 -8.38 18.37 -3.68
CA SER A 72 -8.30 19.04 -4.97
C SER A 72 -8.38 17.99 -6.04
N ARG A 73 -8.10 18.42 -7.25
CA ARG A 73 -8.50 17.79 -8.45
C ARG A 73 -7.46 18.13 -9.52
N ASP A 74 -7.16 17.19 -10.40
CA ASP A 74 -6.29 17.45 -11.56
C ASP A 74 -7.03 16.80 -12.70
N ASN A 75 -7.59 17.64 -13.56
CA ASN A 75 -8.48 17.20 -14.60
C ASN A 75 -7.79 16.48 -15.77
N ALA A 76 -6.58 16.89 -16.10
CA ALA A 76 -5.77 16.25 -17.13
C ALA A 76 -5.41 14.81 -16.75
N LYS A 77 -5.21 14.55 -15.46
CA LYS A 77 -4.99 13.15 -14.99
C LYS A 77 -6.19 12.42 -14.43
N ASN A 78 -7.33 13.09 -14.36
CA ASN A 78 -8.56 12.55 -13.85
C ASN A 78 -8.39 11.90 -12.47
N THR A 79 -7.73 12.67 -11.62
CA THR A 79 -7.25 12.25 -10.35
C THR A 79 -7.69 13.29 -9.27
N VAL A 80 -7.85 12.81 -8.06
CA VAL A 80 -8.40 13.56 -6.96
C VAL A 80 -7.42 13.37 -5.81
N TYR A 81 -7.17 14.42 -5.02
CA TYR A 81 -6.20 14.33 -3.94
C TYR A 81 -6.76 14.75 -2.64
N LEU A 82 -6.13 14.29 -1.59
CA LEU A 82 -6.41 14.77 -0.27
C LEU A 82 -5.08 15.11 0.38
N ASP A 83 -4.83 16.39 0.65
CA ASP A 83 -3.63 16.80 1.39
C ASP A 83 -3.97 16.87 2.86
N MET A 84 -3.28 16.08 3.65
CA MET A 84 -3.56 15.99 5.07
C MET A 84 -2.39 16.62 5.77
N ASN A 85 -2.64 17.77 6.40
CA ASN A 85 -1.65 18.47 7.18
C ASN A 85 -2.00 18.30 8.68
N SER A 86 -0.97 18.33 9.53
CA SER A 86 -1.09 18.29 10.99
C SER A 86 -1.91 17.09 11.38
N LEU A 87 -1.50 15.93 10.87
CA LEU A 87 -2.16 14.69 11.17
C LEU A 87 -2.14 14.39 12.66
N LYS A 88 -3.16 13.69 13.15
CA LYS A 88 -3.30 13.32 14.54
C LYS A 88 -3.52 11.82 14.66
N PRO A 89 -3.21 11.23 15.81
CA PRO A 89 -3.55 9.79 15.97
C PRO A 89 -4.97 9.39 15.52
N GLU A 90 -5.95 10.28 15.70
CA GLU A 90 -7.37 9.98 15.34
C GLU A 90 -7.62 9.96 13.83
N ASP A 91 -6.69 10.46 13.03
CA ASP A 91 -6.81 10.33 11.59
C ASP A 91 -6.47 8.94 11.05
N THR A 92 -6.15 7.98 11.93
CA THR A 92 -5.70 6.65 11.48
C THR A 92 -6.92 5.95 10.98
N ALA A 93 -6.82 5.38 9.77
CA ALA A 93 -7.98 4.90 9.09
C ALA A 93 -7.62 4.40 7.74
N ILE A 94 -8.58 3.70 7.13
CA ILE A 94 -8.54 3.41 5.72
C ILE A 94 -9.32 4.55 5.08
N TYR A 95 -8.66 5.24 4.19
CA TYR A 95 -9.28 6.32 3.43
C TYR A 95 -9.74 5.76 2.12
N TYR A 96 -11.00 6.02 1.76
CA TYR A 96 -11.62 5.56 0.54
C TYR A 96 -12.08 6.74 -0.31
N CYS A 97 -11.85 6.70 -1.59
CA CYS A 97 -12.33 7.72 -2.51
CA CYS A 97 -12.36 7.72 -2.50
C CYS A 97 -13.64 7.20 -3.21
N ALA A 98 -14.53 8.13 -3.57
CA ALA A 98 -15.79 7.79 -4.21
C ALA A 98 -16.24 8.90 -5.14
N SER A 99 -16.97 8.53 -6.18
CA SER A 99 -17.72 9.48 -7.00
C SER A 99 -19.21 9.23 -6.82
N SER A 100 -20.02 10.29 -6.72
CA SER A 100 -21.47 10.22 -6.63
C SER A 100 -22.03 10.07 -8.03
N THR A 101 -21.80 8.89 -8.54
CA THR A 101 -21.99 8.55 -9.92
C THR A 101 -23.46 8.65 -10.28
N ARG A 102 -24.34 8.25 -9.37
CA ARG A 102 -25.79 8.13 -9.63
C ARG A 102 -26.61 9.34 -9.17
N VAL A 103 -26.00 10.50 -9.10
CA VAL A 103 -26.70 11.75 -8.92
C VAL A 103 -26.57 12.54 -10.24
N TRP A 104 -27.71 13.02 -10.73
CA TRP A 104 -27.76 14.00 -11.81
C TRP A 104 -27.57 15.39 -11.18
N GLY A 105 -26.51 16.07 -11.59
CA GLY A 105 -26.04 17.27 -10.97
C GLY A 105 -24.55 17.13 -10.65
N GLY A 106 -23.89 18.26 -10.52
CA GLY A 106 -22.53 18.27 -10.00
C GLY A 106 -22.41 18.57 -8.52
N TYR A 107 -23.51 18.55 -7.77
CA TYR A 107 -23.54 19.14 -6.40
C TYR A 107 -23.17 18.06 -5.48
N CYS A 108 -22.89 18.39 -4.22
CA CYS A 108 -22.62 17.34 -3.21
C CYS A 108 -23.78 17.12 -2.27
N GLY A 109 -24.10 15.84 -2.04
CA GLY A 109 -24.85 15.41 -0.87
C GLY A 109 -24.16 15.85 0.41
N GLY A 110 -24.78 15.59 1.56
CA GLY A 110 -24.08 15.78 2.83
C GLY A 110 -22.76 15.02 2.90
N LEU A 111 -21.82 15.52 3.71
CA LEU A 111 -20.55 14.85 3.92
C LEU A 111 -20.73 13.35 4.19
N ASP A 112 -21.59 13.06 5.17
CA ASP A 112 -21.88 11.70 5.63
C ASP A 112 -22.89 10.93 4.77
N ASP A 113 -22.92 11.20 3.47
CA ASP A 113 -23.87 10.60 2.58
C ASP A 113 -23.19 9.60 1.67
N ALA A 114 -23.27 8.36 2.11
CA ALA A 114 -22.54 7.29 1.49
C ALA A 114 -23.42 6.61 0.43
N THR A 115 -24.56 7.18 0.10
CA THR A 115 -25.46 6.60 -0.92
C THR A 115 -25.09 7.21 -2.30
N ASN A 116 -25.48 6.51 -3.36
CA ASN A 116 -25.24 6.95 -4.76
C ASN A 116 -23.82 6.91 -5.28
N ASN A 117 -22.96 6.14 -4.63
CA ASN A 117 -21.53 6.18 -4.99
C ASN A 117 -21.01 4.91 -5.67
N ASP A 118 -20.08 5.06 -6.59
CA ASP A 118 -19.10 4.02 -6.82
C ASP A 118 -17.91 4.32 -5.91
N TRP A 119 -17.13 3.29 -5.61
CA TRP A 119 -16.23 3.29 -4.47
C TRP A 119 -14.92 2.69 -4.90
N GLY A 120 -13.81 3.22 -4.43
CA GLY A 120 -12.52 2.51 -4.57
C GLY A 120 -12.32 1.49 -3.50
N GLN A 121 -11.10 1.03 -3.37
CA GLN A 121 -10.76 -0.11 -2.51
C GLN A 121 -10.19 0.28 -1.15
N GLY A 122 -9.73 1.51 -1.04
CA GLY A 122 -9.23 2.05 0.21
C GLY A 122 -7.73 2.06 0.23
N THR A 123 -7.15 2.98 1.03
CA THR A 123 -5.71 3.04 1.28
C THR A 123 -5.45 3.29 2.80
N GLN A 124 -4.45 2.63 3.38
CA GLN A 124 -4.26 2.63 4.86
C GLN A 124 -3.46 3.83 5.25
N VAL A 125 -3.88 4.54 6.28
CA VAL A 125 -3.08 5.64 6.85
C VAL A 125 -2.99 5.36 8.31
N THR A 126 -1.76 5.35 8.80
CA THR A 126 -1.45 5.05 10.18
C THR A 126 -0.69 6.25 10.69
N VAL A 127 -1.16 6.79 11.80
CA VAL A 127 -0.58 7.96 12.43
C VAL A 127 -0.18 7.56 13.84
N SER A 128 1.11 7.46 14.11
CA SER A 128 1.60 7.13 15.46
C SER A 128 1.71 8.37 16.34
N SER A 129 1.60 8.18 17.64
CA SER A 129 1.77 9.28 18.61
C SER A 129 3.23 9.79 18.63
N ASP B 3 14.83 -1.34 -17.91
CA ASP B 3 15.39 -1.63 -16.56
C ASP B 3 14.70 -2.82 -15.91
N VAL B 4 15.41 -3.41 -14.95
CA VAL B 4 14.80 -4.38 -14.06
C VAL B 4 13.95 -3.60 -13.06
N GLN B 5 12.69 -4.02 -12.88
CA GLN B 5 11.69 -3.36 -12.00
C GLN B 5 11.04 -4.41 -11.09
N LEU B 6 11.01 -4.12 -9.79
CA LEU B 6 10.41 -5.02 -8.82
C LEU B 6 9.30 -4.27 -8.09
N GLN B 7 8.10 -4.83 -8.04
CA GLN B 7 6.94 -4.17 -7.45
C GLN B 7 6.28 -5.09 -6.38
N GLU B 8 6.44 -4.75 -5.10
CA GLU B 8 5.82 -5.50 -4.00
C GLU B 8 4.33 -5.12 -3.90
N SER B 9 3.53 -6.04 -3.36
CA SER B 9 2.16 -5.71 -2.98
C SER B 9 1.73 -6.70 -1.91
N GLY B 10 0.52 -6.53 -1.38
CA GLY B 10 -0.01 -7.46 -0.41
C GLY B 10 0.22 -7.08 1.02
N GLY B 11 0.91 -5.98 1.29
CA GLY B 11 1.20 -5.57 2.68
C GLY B 11 -0.06 -5.05 3.32
N GLY B 12 -0.06 -4.86 4.63
CA GLY B 12 -1.28 -4.47 5.36
C GLY B 12 -1.09 -4.60 6.85
N SER B 13 -2.18 -4.46 7.60
CA SER B 13 -2.16 -4.52 9.05
C SER B 13 -2.84 -5.80 9.41
N VAL B 14 -2.26 -6.46 10.40
CA VAL B 14 -2.69 -7.77 10.75
C VAL B 14 -2.46 -7.85 12.24
N GLN B 15 -3.17 -8.76 12.88
CA GLN B 15 -3.03 -8.94 14.30
C GLN B 15 -2.03 -10.08 14.51
N ALA B 16 -1.36 -10.05 15.66
CA ALA B 16 -0.47 -11.14 16.06
C ALA B 16 -1.19 -12.48 16.04
N GLY B 17 -0.47 -13.50 15.56
CA GLY B 17 -1.03 -14.84 15.31
C GLY B 17 -1.56 -15.04 13.89
N GLY B 18 -1.71 -13.96 13.13
CA GLY B 18 -2.40 -14.02 11.85
C GLY B 18 -1.39 -14.17 10.73
N SER B 19 -1.91 -14.17 9.51
CA SER B 19 -1.13 -14.55 8.35
C SER B 19 -1.26 -13.49 7.29
N LEU B 20 -0.38 -13.52 6.31
CA LEU B 20 -0.38 -12.55 5.22
C LEU B 20 0.42 -13.10 4.08
N ARG B 21 0.03 -12.80 2.88
CA ARG B 21 0.80 -13.17 1.68
C ARG B 21 1.31 -11.92 0.97
N LEU B 22 2.62 -11.84 0.79
CA LEU B 22 3.22 -10.79 -0.02
C LEU B 22 3.53 -11.27 -1.41
N SER B 23 3.41 -10.38 -2.38
CA SER B 23 3.81 -10.66 -3.79
C SER B 23 4.84 -9.69 -4.32
N CYS B 24 5.71 -10.15 -5.19
CA CYS B 24 6.57 -9.23 -5.86
C CYS B 24 6.63 -9.57 -7.34
N VAL B 25 6.19 -8.64 -8.19
CA VAL B 25 6.20 -8.88 -9.66
C VAL B 25 7.46 -8.29 -10.23
N VAL B 26 8.09 -9.02 -11.12
CA VAL B 26 9.33 -8.61 -11.69
C VAL B 26 9.15 -8.36 -13.18
N SER B 27 9.85 -7.34 -13.65
CA SER B 27 9.76 -6.84 -15.00
C SER B 27 11.20 -6.75 -15.50
N GLY B 28 11.47 -7.23 -16.72
CA GLY B 28 12.82 -7.11 -17.32
C GLY B 28 13.84 -8.13 -16.84
N LEU B 29 13.39 -9.22 -16.22
CA LEU B 29 14.23 -10.37 -15.84
C LEU B 29 13.34 -11.58 -15.89
N THR B 30 13.93 -12.72 -16.18
CA THR B 30 13.27 -13.99 -15.94
C THR B 30 13.74 -14.41 -14.54
N ILE B 31 12.84 -14.47 -13.57
CA ILE B 31 13.21 -14.79 -12.18
C ILE B 31 13.70 -16.25 -11.95
N SER B 32 13.31 -17.18 -12.82
CA SER B 32 13.82 -18.56 -12.86
C SER B 32 15.35 -18.72 -12.74
N ASN B 33 16.10 -17.79 -13.32
CA ASN B 33 17.56 -17.86 -13.36
C ASN B 33 18.31 -17.16 -12.21
N TYR B 34 17.61 -16.50 -11.27
CA TYR B 34 18.31 -15.75 -10.21
C TYR B 34 17.86 -16.15 -8.82
N CYS B 35 18.68 -15.82 -7.84
CA CYS B 35 18.28 -15.80 -6.44
C CYS B 35 17.28 -14.65 -6.30
N MET B 36 16.09 -14.98 -5.85
CA MET B 36 15.14 -13.96 -5.45
C MET B 36 15.10 -13.94 -3.93
N ARG B 37 14.91 -12.75 -3.39
CA ARG B 37 15.11 -12.52 -1.98
C ARG B 37 14.12 -11.62 -1.42
N TRP B 38 13.86 -11.80 -0.14
CA TRP B 38 13.07 -10.87 0.62
C TRP B 38 13.88 -10.39 1.79
N PHE B 39 13.79 -9.11 2.04
CA PHE B 39 14.45 -8.44 3.13
C PHE B 39 13.40 -7.58 3.82
N ARG B 40 13.70 -7.21 5.05
CA ARG B 40 12.86 -6.33 5.75
C ARG B 40 13.62 -5.33 6.62
N GLN B 41 12.96 -4.21 6.93
CA GLN B 41 13.50 -3.18 7.80
C GLN B 41 12.48 -2.79 8.86
N ALA B 42 12.73 -3.18 10.10
CA ALA B 42 11.84 -2.83 11.18
C ALA B 42 12.08 -1.34 11.53
N PRO B 43 11.11 -0.72 12.21
CA PRO B 43 11.26 0.68 12.63
C PRO B 43 12.55 0.95 13.37
N GLY B 44 13.33 1.88 12.87
CA GLY B 44 14.59 2.28 13.48
C GLY B 44 15.79 1.41 13.20
N LYS B 45 15.58 0.25 12.60
CA LYS B 45 16.63 -0.76 12.47
C LYS B 45 17.12 -0.87 11.05
N GLY B 46 18.21 -1.63 10.92
CA GLY B 46 18.86 -1.86 9.66
C GLY B 46 18.10 -2.91 8.91
N ARG B 47 18.21 -2.86 7.58
CA ARG B 47 17.58 -3.83 6.74
C ARG B 47 18.21 -5.22 6.91
N GLU B 48 17.38 -6.24 6.85
CA GLU B 48 17.79 -7.57 7.22
C GLU B 48 17.17 -8.58 6.23
N GLY B 49 17.87 -9.67 6.00
CA GLY B 49 17.42 -10.71 5.08
C GLY B 49 16.37 -11.57 5.74
N VAL B 50 15.39 -12.02 4.97
CA VAL B 50 14.31 -12.79 5.52
C VAL B 50 14.26 -14.18 4.87
N ALA B 51 14.27 -14.21 3.54
CA ALA B 51 14.22 -15.45 2.81
C ALA B 51 14.89 -15.26 1.50
N SER B 52 15.18 -16.36 0.86
CA SER B 52 15.70 -16.31 -0.45
C SER B 52 15.40 -17.65 -1.10
N ILE B 53 15.45 -17.68 -2.44
CA ILE B 53 15.11 -18.84 -3.22
C ILE B 53 16.04 -18.89 -4.41
N ASN B 54 16.72 -20.01 -4.62
CA ASN B 54 17.70 -20.09 -5.68
C ASN B 54 17.00 -20.50 -7.00
N SER B 55 17.74 -20.66 -8.09
CA SER B 55 17.12 -21.05 -9.39
C SER B 55 16.46 -22.41 -9.36
N ALA B 56 16.92 -23.29 -8.51
CA ALA B 56 16.36 -24.62 -8.33
C ALA B 56 15.18 -24.66 -7.37
N GLY B 57 14.69 -23.50 -6.89
CA GLY B 57 13.57 -23.46 -6.01
C GLY B 57 13.80 -23.88 -4.59
N THR B 58 15.04 -24.05 -4.17
CA THR B 58 15.36 -24.23 -2.77
C THR B 58 15.32 -22.87 -2.05
N THR B 59 14.83 -22.90 -0.82
CA THR B 59 14.58 -21.73 -0.02
C THR B 59 15.31 -21.78 1.32
N TYR B 60 15.81 -20.61 1.69
CA TYR B 60 16.57 -20.36 2.90
C TYR B 60 15.87 -19.26 3.67
N TYR B 61 15.81 -19.40 4.99
CA TYR B 61 15.11 -18.48 5.85
C TYR B 61 15.99 -18.09 7.02
N ALA B 62 15.86 -16.83 7.46
CA ALA B 62 16.49 -16.36 8.71
C ALA B 62 15.95 -17.12 9.93
N ASP B 63 16.82 -17.40 10.90
CA ASP B 63 16.41 -18.13 12.14
C ASP B 63 15.07 -17.62 12.71
N SER B 64 14.90 -16.30 12.84
CA SER B 64 13.64 -15.69 13.37
C SER B 64 12.31 -16.08 12.67
N VAL B 65 12.35 -16.41 11.38
CA VAL B 65 11.14 -16.67 10.59
C VAL B 65 11.01 -18.10 10.08
N LYS B 66 12.07 -18.88 10.19
CA LYS B 66 12.02 -20.24 9.69
C LYS B 66 10.88 -21.02 10.32
N GLY B 67 10.19 -21.79 9.50
CA GLY B 67 8.98 -22.47 9.91
C GLY B 67 7.68 -21.70 9.68
N ARG B 68 7.69 -20.40 9.97
CA ARG B 68 6.50 -19.53 9.85
C ARG B 68 6.33 -18.94 8.46
N PHE B 69 7.43 -18.60 7.82
CA PHE B 69 7.43 -17.91 6.54
C PHE B 69 7.85 -18.94 5.49
N THR B 70 7.24 -18.81 4.33
CA THR B 70 7.63 -19.64 3.18
C THR B 70 7.64 -18.74 1.98
N MET B 71 8.62 -18.98 1.13
CA MET B 71 8.81 -18.25 -0.07
C MET B 71 8.58 -19.18 -1.23
N SER B 72 7.99 -18.64 -2.29
CA SER B 72 7.78 -19.42 -3.50
C SER B 72 7.84 -18.48 -4.68
N ARG B 73 7.61 -19.08 -5.83
CA ARG B 73 7.83 -18.46 -7.09
C ARG B 73 6.78 -18.94 -8.07
N ASP B 74 6.28 -18.05 -8.91
CA ASP B 74 5.52 -18.45 -10.11
C ASP B 74 6.32 -17.95 -11.30
N ASN B 75 6.77 -18.88 -12.13
CA ASN B 75 7.65 -18.54 -13.24
C ASN B 75 6.91 -17.92 -14.40
N ALA B 76 5.79 -18.52 -14.75
CA ALA B 76 4.85 -17.93 -15.71
C ALA B 76 4.50 -16.49 -15.31
N LYS B 77 4.23 -16.24 -14.01
CA LYS B 77 3.84 -14.90 -13.62
C LYS B 77 5.03 -13.94 -13.45
N ASN B 78 6.25 -14.48 -13.46
CA ASN B 78 7.48 -13.73 -13.20
C ASN B 78 7.36 -12.98 -11.84
N THR B 79 6.85 -13.74 -10.88
CA THR B 79 6.39 -13.23 -9.60
C THR B 79 6.94 -14.13 -8.48
N VAL B 80 7.28 -13.52 -7.38
CA VAL B 80 7.72 -14.21 -6.16
C VAL B 80 6.75 -13.87 -5.02
N TYR B 81 6.58 -14.82 -4.09
CA TYR B 81 5.64 -14.66 -2.98
C TYR B 81 6.32 -14.97 -1.66
N LEU B 82 5.90 -14.27 -0.61
CA LEU B 82 6.24 -14.61 0.76
C LEU B 82 4.95 -14.84 1.57
N ASP B 83 4.70 -16.09 1.96
CA ASP B 83 3.56 -16.43 2.83
C ASP B 83 4.03 -16.39 4.25
N MET B 84 3.40 -15.56 5.04
CA MET B 84 3.83 -15.31 6.40
C MET B 84 2.73 -15.83 7.30
N ASN B 85 3.04 -16.82 8.12
CA ASN B 85 2.10 -17.33 9.11
C ASN B 85 2.61 -17.02 10.49
N SER B 86 1.68 -17.06 11.44
CA SER B 86 1.92 -16.92 12.88
C SER B 86 2.76 -15.68 13.11
N LEU B 87 2.26 -14.56 12.65
CA LEU B 87 3.02 -13.33 12.61
C LEU B 87 3.17 -12.84 14.03
N LYS B 88 4.28 -12.16 14.29
CA LYS B 88 4.54 -11.59 15.60
C LYS B 88 4.82 -10.10 15.45
N PRO B 89 4.46 -9.28 16.44
CA PRO B 89 4.76 -7.82 16.39
C PRO B 89 6.16 -7.40 15.90
N GLU B 90 7.16 -8.25 16.19
CA GLU B 90 8.53 -8.12 15.69
C GLU B 90 8.63 -8.23 14.16
N ASP B 91 7.61 -8.77 13.48
CA ASP B 91 7.59 -8.83 12.01
C ASP B 91 7.21 -7.50 11.34
N THR B 92 6.82 -6.51 12.16
CA THR B 92 6.48 -5.20 11.68
C THR B 92 7.72 -4.61 11.04
N ALA B 93 7.57 -4.13 9.79
CA ALA B 93 8.71 -3.79 8.96
C ALA B 93 8.22 -3.35 7.61
N ILE B 94 9.08 -2.69 6.84
CA ILE B 94 8.89 -2.61 5.40
C ILE B 94 9.56 -3.85 4.85
N TYR B 95 8.88 -4.55 3.94
CA TYR B 95 9.42 -5.74 3.29
C TYR B 95 9.83 -5.35 1.86
N TYR B 96 11.05 -5.71 1.47
CA TYR B 96 11.56 -5.45 0.16
C TYR B 96 11.82 -6.77 -0.57
N CYS B 97 11.39 -6.82 -1.82
CA CYS B 97 11.79 -7.87 -2.76
CA CYS B 97 11.81 -7.87 -2.71
C CYS B 97 13.07 -7.40 -3.48
N ALA B 98 13.91 -8.37 -3.86
CA ALA B 98 15.16 -8.13 -4.59
C ALA B 98 15.56 -9.35 -5.38
N SER B 99 16.21 -9.10 -6.51
CA SER B 99 16.77 -10.15 -7.36
C SER B 99 18.26 -9.96 -7.34
N SER B 100 19.01 -11.04 -7.10
CA SER B 100 20.49 -11.02 -7.17
C SER B 100 20.99 -10.99 -8.58
N THR B 101 20.62 -9.93 -9.26
CA THR B 101 20.83 -9.74 -10.70
C THR B 101 22.28 -9.77 -11.15
N ARG B 102 23.18 -9.39 -10.27
CA ARG B 102 24.61 -9.30 -10.60
C ARG B 102 25.42 -10.52 -10.16
N VAL B 103 24.75 -11.62 -9.83
CA VAL B 103 25.44 -12.89 -9.58
C VAL B 103 25.19 -13.86 -10.75
N TRP B 104 26.28 -14.32 -11.38
CA TRP B 104 26.25 -15.42 -12.35
CA TRP B 104 26.25 -15.41 -12.33
C TRP B 104 26.10 -16.72 -11.57
N GLY B 105 25.04 -17.45 -11.89
CA GLY B 105 24.70 -18.65 -11.19
C GLY B 105 23.32 -18.32 -10.67
N GLY B 106 22.62 -19.36 -10.28
CA GLY B 106 21.29 -19.16 -9.75
C GLY B 106 21.28 -19.26 -8.25
N TYR B 107 22.45 -19.26 -7.62
CA TYR B 107 22.59 -19.64 -6.22
C TYR B 107 22.41 -18.46 -5.38
N CYS B 108 22.23 -18.70 -4.09
CA CYS B 108 22.02 -17.63 -3.14
C CYS B 108 23.29 -17.32 -2.34
N GLY B 109 23.53 -16.04 -2.10
CA GLY B 109 24.47 -15.62 -1.06
C GLY B 109 23.89 -15.80 0.33
N GLY B 110 24.63 -15.38 1.34
CA GLY B 110 24.13 -15.45 2.72
C GLY B 110 22.83 -14.68 2.82
N LEU B 111 21.96 -15.10 3.72
CA LEU B 111 20.76 -14.32 4.03
C LEU B 111 21.02 -12.83 4.34
N ASP B 112 22.09 -12.53 5.08
CA ASP B 112 22.46 -11.13 5.36
C ASP B 112 23.42 -10.51 4.34
N ASP B 113 23.28 -10.87 3.07
CA ASP B 113 24.07 -10.26 2.00
C ASP B 113 23.14 -9.48 1.09
N ALA B 114 23.24 -8.18 1.23
CA ALA B 114 22.44 -7.24 0.50
C ALA B 114 23.17 -6.68 -0.68
N THR B 115 24.28 -7.28 -1.06
CA THR B 115 25.02 -6.75 -2.18
C THR B 115 24.56 -7.57 -3.38
N ASN B 116 24.85 -7.03 -4.55
CA ASN B 116 24.54 -7.72 -5.83
C ASN B 116 23.11 -7.68 -6.34
N ASN B 117 22.29 -6.81 -5.76
CA ASN B 117 20.84 -6.81 -6.07
C ASN B 117 20.27 -5.59 -6.79
N ASP B 118 19.20 -5.81 -7.53
CA ASP B 118 18.18 -4.83 -7.84
C ASP B 118 17.03 -4.97 -6.81
N TRP B 119 16.26 -3.91 -6.59
CA TRP B 119 15.50 -3.76 -5.37
C TRP B 119 14.17 -3.19 -5.72
N GLY B 120 13.10 -3.74 -5.18
CA GLY B 120 11.83 -3.05 -5.18
C GLY B 120 11.77 -1.90 -4.20
N GLN B 121 10.57 -1.32 -4.10
CA GLN B 121 10.31 -0.10 -3.34
C GLN B 121 9.93 -0.37 -1.89
N GLY B 122 9.44 -1.57 -1.60
CA GLY B 122 9.00 -1.93 -0.28
C GLY B 122 7.48 -1.94 -0.12
N THR B 123 7.01 -2.70 0.88
CA THR B 123 5.60 -2.74 1.27
C THR B 123 5.49 -2.87 2.81
N GLN B 124 4.57 -2.12 3.42
CA GLN B 124 4.49 -2.00 4.87
C GLN B 124 3.71 -3.18 5.37
N VAL B 125 4.24 -3.88 6.37
CA VAL B 125 3.47 -4.84 7.14
C VAL B 125 3.49 -4.43 8.59
N THR B 126 2.29 -4.31 9.17
CA THR B 126 2.08 -3.94 10.57
C THR B 126 1.32 -5.07 11.23
N VAL B 127 1.85 -5.51 12.35
CA VAL B 127 1.34 -6.60 13.13
C VAL B 127 1.09 -6.02 14.50
N SER B 128 -0.17 -5.85 14.90
CA SER B 128 -0.45 -5.28 16.22
C SER B 128 -0.45 -6.42 17.25
N SER B 129 -0.16 -6.08 18.51
CA SER B 129 0.02 -7.06 19.59
C SER B 129 -1.23 -7.87 19.85
#